data_7JMX
#
_entry.id   7JMX
#
_cell.length_a   156.287
_cell.length_b   156.287
_cell.length_c   156.287
_cell.angle_alpha   90.000
_cell.angle_beta   90.000
_cell.angle_gamma   90.000
#
_symmetry.space_group_name_H-M   'P 41 3 2'
#
loop_
_entity.id
_entity.type
_entity.pdbx_description
1 polymer 'COVA1-16 heavy chain'
2 polymer 'COVA1-16 light chain'
3 non-polymer 'SULFATE ION'
4 non-polymer 'ACETATE ION'
5 water water
#
loop_
_entity_poly.entity_id
_entity_poly.type
_entity_poly.pdbx_seq_one_letter_code
_entity_poly.pdbx_strand_id
1 'polypeptide(L)'
;QVQLVQSGAEVKKPGASVKVSCKASGYTFTSYYMHWVRQAPGQGLEWMGIINSSGGSTSYAQKFQGRVTMTRDTSTSTVY
MELSSLRSEDTAVYYCARPPRNYYDRSGYYQRAEYFQHWGQGTLVTVSSASTKGPSVFPLAPSSKSTSGGTAALGCLVKD
YFPEPVTVSWNSGALTSGVHTFPAVLQSSGLYSLSSVVTVPSSSLGTQTYICNVNHKPSNTKVDKRVEPKSCHHHHHH
;
H
2 'polypeptide(L)'
;DIQLTQSPSSLSASVGDRVTITCQASQDISNYLNWYQQRPGKAPKLLIYDASNLETGVPSRFSGSGSGTDFTFTISSLQP
EDIATYYCQQYDNPPLTFGGGTKLEIKRTVAAPSVFIFPPSDEQLKSGTASVVCLLNNFYPREAKVQWKVDNALQSGNSQ
ESVTEQDSKDSTYSLSSTLTLSKADYEKHKVYACEVTHQGLSSPVTKSFNRGEC
;
L
#
# COMPACT_ATOMS: atom_id res chain seq x y z
N GLN A 1 8.47 16.82 16.21
CA GLN A 1 8.15 16.87 14.79
C GLN A 1 6.64 16.97 14.55
N VAL A 2 6.24 17.45 13.38
CA VAL A 2 4.81 17.56 13.06
C VAL A 2 4.22 16.18 12.87
N GLN A 3 3.11 15.91 13.57
CA GLN A 3 2.42 14.62 13.48
C GLN A 3 0.93 14.85 13.25
N LEU A 4 0.38 14.15 12.26
CA LEU A 4 -1.05 14.07 12.01
C LEU A 4 -1.45 12.60 12.16
N VAL A 5 -2.03 12.22 13.28
CA VAL A 5 -2.42 10.85 13.54
C VAL A 5 -3.92 10.72 13.32
N GLN A 6 -4.29 9.88 12.36
CA GLN A 6 -5.65 9.75 11.86
C GLN A 6 -6.37 8.58 12.56
N SER A 7 -7.70 8.59 12.54
CA SER A 7 -8.44 7.53 13.23
C SER A 7 -8.34 6.22 12.44
N GLY A 8 -8.81 5.13 13.06
CA GLY A 8 -8.65 3.81 12.46
C GLY A 8 -9.62 3.53 11.32
N ALA A 9 -9.29 2.48 10.56
CA ALA A 9 -10.11 2.05 9.43
C ALA A 9 -11.43 1.49 9.91
N GLU A 10 -12.46 1.58 9.06
CA GLU A 10 -13.72 0.97 9.44
C GLU A 10 -14.60 0.73 8.23
N VAL A 11 -15.60 -0.16 8.42
CA VAL A 11 -16.60 -0.47 7.40
C VAL A 11 -17.92 0.16 7.82
N LYS A 12 -18.65 0.66 6.85
CA LYS A 12 -19.94 1.31 7.05
C LYS A 12 -20.93 0.80 6.03
N LYS A 13 -22.18 0.65 6.45
CA LYS A 13 -23.20 0.20 5.50
C LYS A 13 -23.54 1.35 4.55
N PRO A 14 -23.92 1.03 3.30
CA PRO A 14 -24.40 2.07 2.38
C PRO A 14 -25.50 2.90 3.01
N GLY A 15 -25.41 4.22 2.84
CA GLY A 15 -26.39 5.13 3.42
C GLY A 15 -26.04 5.63 4.81
N ALA A 16 -25.02 5.05 5.45
CA ALA A 16 -24.61 5.49 6.78
C ALA A 16 -23.59 6.61 6.63
N SER A 17 -23.03 7.09 7.75
CA SER A 17 -21.96 8.08 7.69
C SER A 17 -20.73 7.59 8.43
N VAL A 18 -19.57 8.16 8.06
CA VAL A 18 -18.30 7.99 8.75
C VAL A 18 -17.86 9.33 9.30
N LYS A 19 -17.18 9.32 10.45
CA LYS A 19 -16.46 10.48 10.94
C LYS A 19 -15.02 10.07 11.17
N VAL A 20 -14.11 10.66 10.41
CA VAL A 20 -12.69 10.37 10.50
C VAL A 20 -12.01 11.51 11.26
N SER A 21 -11.21 11.17 12.25
CA SER A 21 -10.51 12.19 13.01
C SER A 21 -9.05 12.28 12.59
N CYS A 22 -8.42 13.37 12.99
CA CYS A 22 -7.05 13.67 12.62
C CYS A 22 -6.49 14.52 13.77
N LYS A 23 -5.75 13.91 14.67
CA LYS A 23 -5.17 14.64 15.79
C LYS A 23 -3.80 15.16 15.38
N ALA A 24 -3.59 16.45 15.57
CA ALA A 24 -2.39 17.12 15.12
C ALA A 24 -1.53 17.47 16.34
N SER A 25 -0.21 17.45 16.14
CA SER A 25 0.72 17.79 17.20
C SER A 25 2.02 18.27 16.57
N GLY A 26 2.83 18.93 17.38
CA GLY A 26 4.11 19.41 16.93
C GLY A 26 4.07 20.74 16.21
N TYR A 27 2.95 21.46 16.28
CA TYR A 27 2.81 22.76 15.68
C TYR A 27 1.59 23.46 16.27
N THR A 28 1.55 24.78 16.12
CA THR A 28 0.45 25.57 16.65
C THR A 28 -0.79 25.31 15.83
N PHE A 29 -1.74 24.56 16.41
CA PHE A 29 -2.88 24.05 15.65
C PHE A 29 -3.56 25.15 14.86
N THR A 30 -3.91 26.25 15.52
CA THR A 30 -4.84 27.20 14.95
C THR A 30 -4.22 28.07 13.87
N SER A 31 -2.91 27.98 13.63
CA SER A 31 -2.27 28.84 12.65
C SER A 31 -2.32 28.27 11.25
N TYR A 32 -2.93 27.10 11.06
CA TYR A 32 -2.86 26.36 9.81
C TYR A 32 -4.24 25.94 9.35
N TYR A 33 -4.44 25.93 8.05
CA TYR A 33 -5.60 25.25 7.50
C TYR A 33 -5.40 23.74 7.53
N MET A 34 -6.50 23.02 7.44
CA MET A 34 -6.41 21.58 7.21
C MET A 34 -7.25 21.22 5.99
N HIS A 35 -6.70 20.36 5.15
CA HIS A 35 -7.37 19.87 3.96
C HIS A 35 -7.66 18.39 4.12
N TRP A 36 -8.61 17.92 3.31
CA TRP A 36 -8.86 16.49 3.20
C TRP A 36 -8.77 16.09 1.75
N VAL A 37 -8.09 14.96 1.51
CA VAL A 37 -7.87 14.40 0.18
C VAL A 37 -8.18 12.91 0.27
N ARG A 38 -8.90 12.36 -0.70
CA ARG A 38 -9.23 10.94 -0.67
C ARG A 38 -8.68 10.22 -1.89
N GLN A 39 -8.52 8.92 -1.76
CA GLN A 39 -7.96 8.08 -2.82
C GLN A 39 -8.66 6.73 -2.79
N ALA A 40 -9.41 6.40 -3.88
CA ALA A 40 -9.99 5.07 -4.03
C ALA A 40 -8.91 4.07 -4.42
N PRO A 41 -9.06 2.81 -4.02
CA PRO A 41 -8.03 1.79 -4.28
C PRO A 41 -7.56 1.78 -5.73
N GLY A 42 -6.23 1.79 -5.92
CA GLY A 42 -5.67 1.81 -7.25
C GLY A 42 -6.01 3.02 -8.08
N GLN A 43 -6.36 4.14 -7.46
CA GLN A 43 -6.72 5.32 -8.23
C GLN A 43 -5.98 6.55 -7.77
N GLY A 44 -6.38 7.71 -8.31
CA GLY A 44 -5.68 8.96 -8.10
C GLY A 44 -6.16 9.67 -6.86
N LEU A 45 -5.72 10.91 -6.73
CA LEU A 45 -5.95 11.74 -5.55
C LEU A 45 -7.06 12.74 -5.86
N GLU A 46 -7.94 12.94 -4.88
CA GLU A 46 -9.13 13.78 -5.05
C GLU A 46 -9.25 14.70 -3.85
N TRP A 47 -9.32 16.00 -4.10
CA TRP A 47 -9.45 16.97 -3.02
C TRP A 47 -10.91 17.05 -2.57
N MET A 48 -11.12 17.02 -1.25
CA MET A 48 -12.47 17.10 -0.71
C MET A 48 -12.84 18.50 -0.21
N GLY A 49 -11.90 19.20 0.43
CA GLY A 49 -12.25 20.46 1.02
C GLY A 49 -11.22 20.90 2.04
N ILE A 50 -11.53 22.02 2.66
CA ILE A 50 -10.61 22.77 3.50
C ILE A 50 -11.39 23.33 4.68
N ILE A 51 -10.78 23.33 5.85
CA ILE A 51 -11.33 23.98 7.04
C ILE A 51 -10.25 24.86 7.67
N ASN A 52 -10.66 26.02 8.17
CA ASN A 52 -9.79 26.90 8.94
C ASN A 52 -9.83 26.46 10.38
N SER A 53 -8.69 25.98 10.91
CA SER A 53 -8.63 25.60 12.32
C SER A 53 -9.05 26.74 13.21
N SER A 54 -8.84 27.97 12.74
CA SER A 54 -9.23 29.17 13.48
C SER A 54 -10.62 29.54 13.00
N GLY A 55 -11.63 29.30 13.83
CA GLY A 55 -12.98 29.67 13.46
C GLY A 55 -13.82 28.54 12.87
N GLY A 56 -13.21 27.67 12.07
CA GLY A 56 -13.92 26.52 11.57
C GLY A 56 -14.69 26.74 10.29
N SER A 57 -14.50 27.86 9.61
CA SER A 57 -15.18 28.04 8.34
C SER A 57 -14.64 27.04 7.34
N THR A 58 -15.47 26.65 6.39
CA THR A 58 -15.17 25.51 5.55
C THR A 58 -15.49 25.82 4.10
N SER A 59 -14.83 25.10 3.21
CA SER A 59 -15.20 25.12 1.80
C SER A 59 -14.96 23.74 1.23
N TYR A 60 -15.92 23.24 0.45
CA TYR A 60 -15.85 21.88 -0.07
C TYR A 60 -15.94 21.86 -1.60
N ALA A 61 -15.29 20.86 -2.19
CA ALA A 61 -15.48 20.59 -3.61
C ALA A 61 -16.96 20.33 -3.91
N GLN A 62 -17.38 20.74 -5.10
CA GLN A 62 -18.79 20.66 -5.47
C GLN A 62 -19.35 19.25 -5.27
N LYS A 63 -18.61 18.23 -5.68
CA LYS A 63 -19.18 16.88 -5.66
C LYS A 63 -19.46 16.34 -4.26
N PHE A 64 -18.91 16.95 -3.20
CA PHE A 64 -19.19 16.52 -1.86
C PHE A 64 -20.11 17.47 -1.11
N GLN A 65 -20.43 18.60 -1.72
CA GLN A 65 -21.42 19.52 -1.19
C GLN A 65 -22.71 18.77 -0.85
N GLY A 66 -23.22 18.97 0.37
CA GLY A 66 -24.42 18.28 0.79
C GLY A 66 -24.21 16.96 1.51
N ARG A 67 -22.99 16.40 1.52
CA ARG A 67 -22.76 15.18 2.27
C ARG A 67 -21.47 15.17 3.10
N VAL A 68 -20.61 16.18 3.00
CA VAL A 68 -19.40 16.24 3.82
C VAL A 68 -19.55 17.35 4.86
N THR A 69 -19.02 17.11 6.06
CA THR A 69 -19.02 18.10 7.13
C THR A 69 -17.66 18.08 7.81
N MET A 70 -16.93 19.19 7.76
CA MET A 70 -15.64 19.28 8.42
C MET A 70 -15.77 20.16 9.65
N THR A 71 -15.24 19.65 10.77
CA THR A 71 -15.24 20.39 12.02
C THR A 71 -13.87 20.27 12.67
N ARG A 72 -13.66 21.01 13.76
CA ARG A 72 -12.40 20.92 14.48
C ARG A 72 -12.62 21.29 15.93
N ASP A 73 -11.87 20.64 16.81
CA ASP A 73 -11.82 20.95 18.22
C ASP A 73 -10.46 21.56 18.49
N THR A 74 -10.45 22.88 18.77
CA THR A 74 -9.19 23.56 19.04
C THR A 74 -8.63 23.18 20.39
N SER A 75 -9.44 22.66 21.30
CA SER A 75 -8.92 22.27 22.59
C SER A 75 -8.22 20.90 22.56
N THR A 76 -8.52 20.05 21.58
CA THR A 76 -7.84 18.77 21.41
C THR A 76 -7.00 18.73 20.14
N SER A 77 -6.88 19.86 19.43
CA SER A 77 -6.11 19.92 18.18
C SER A 77 -6.52 18.82 17.22
N THR A 78 -7.83 18.57 17.13
CA THR A 78 -8.32 17.49 16.29
C THR A 78 -9.21 18.04 15.18
N VAL A 79 -9.03 17.53 13.97
CA VAL A 79 -9.87 17.88 12.83
C VAL A 79 -10.71 16.67 12.49
N TYR A 80 -11.98 16.90 12.16
CA TYR A 80 -12.94 15.85 11.84
C TYR A 80 -13.46 16.05 10.43
N MET A 81 -13.56 14.96 9.68
CA MET A 81 -14.23 14.96 8.39
C MET A 81 -15.31 13.88 8.44
N GLU A 82 -16.57 14.29 8.29
CA GLU A 82 -17.69 13.35 8.28
C GLU A 82 -18.26 13.27 6.88
N LEU A 83 -18.41 12.04 6.36
CA LEU A 83 -19.03 11.80 5.06
C LEU A 83 -20.31 10.99 5.25
N SER A 84 -21.43 11.57 4.85
CA SER A 84 -22.78 11.08 5.10
C SER A 84 -23.35 10.46 3.84
N SER A 85 -24.39 9.64 4.02
CA SER A 85 -25.06 8.94 2.92
C SER A 85 -24.06 8.22 2.02
N LEU A 86 -23.27 7.35 2.64
CA LEU A 86 -22.15 6.73 1.94
C LEU A 86 -22.63 5.83 0.79
N ARG A 87 -21.81 5.78 -0.25
CA ARG A 87 -22.04 4.94 -1.41
C ARG A 87 -20.81 4.08 -1.65
N SER A 88 -20.96 3.06 -2.52
CA SER A 88 -19.86 2.13 -2.78
C SER A 88 -18.60 2.89 -3.16
N GLU A 89 -18.71 3.84 -4.07
CA GLU A 89 -17.53 4.52 -4.55
C GLU A 89 -17.02 5.56 -3.57
N ASP A 90 -17.50 5.55 -2.33
CA ASP A 90 -16.84 6.26 -1.26
C ASP A 90 -15.79 5.42 -0.57
N THR A 91 -15.70 4.13 -0.89
CA THR A 91 -14.62 3.28 -0.41
C THR A 91 -13.27 3.90 -0.79
N ALA A 92 -12.52 4.37 0.20
CA ALA A 92 -11.28 5.09 -0.11
C ALA A 92 -10.43 5.21 1.15
N VAL A 93 -9.14 5.45 0.94
CA VAL A 93 -8.29 5.96 2.01
C VAL A 93 -8.47 7.47 2.07
N TYR A 94 -8.85 7.99 3.24
CA TYR A 94 -9.01 9.42 3.44
C TYR A 94 -7.81 9.95 4.21
N TYR A 95 -7.27 11.09 3.75
CA TYR A 95 -6.08 11.72 4.30
C TYR A 95 -6.44 13.12 4.78
N CYS A 96 -5.93 13.49 5.96
CA CYS A 96 -5.84 14.90 6.30
C CYS A 96 -4.45 15.39 5.90
N ALA A 97 -4.37 16.65 5.49
CA ALA A 97 -3.08 17.20 5.07
C ALA A 97 -3.00 18.66 5.45
N ARG A 98 -1.86 19.07 6.01
CA ARG A 98 -1.82 20.50 6.27
C ARG A 98 -0.82 21.21 5.36
N PRO A 99 -1.23 22.37 4.88
CA PRO A 99 -0.36 23.22 4.07
C PRO A 99 0.49 24.09 4.96
N PRO A 100 1.34 24.96 4.41
CA PRO A 100 2.11 25.88 5.27
C PRO A 100 1.25 27.02 5.78
N ARG A 101 1.88 27.83 6.63
CA ARG A 101 1.35 29.12 7.07
C ARG A 101 0.87 29.93 5.88
N ASN A 102 -0.18 30.72 6.08
CA ASN A 102 -0.62 31.63 5.04
C ASN A 102 -0.14 33.07 5.22
N TYR A 103 0.48 33.39 6.37
CA TYR A 103 0.83 34.77 6.82
C TYR A 103 -0.40 35.54 7.30
N ARG A 112 -1.96 32.78 -0.96
CA ARG A 112 -2.53 31.44 -0.99
C ARG A 112 -1.43 30.43 -1.28
N ALA A 113 -1.24 29.46 -0.37
CA ALA A 113 -0.17 28.45 -0.52
C ALA A 113 -0.78 27.08 -0.18
N GLU A 114 -1.42 26.47 -1.16
CA GLU A 114 -2.10 25.20 -0.93
C GLU A 114 -1.29 24.08 -1.59
N TYR A 115 -0.18 23.77 -0.96
CA TYR A 115 0.55 22.52 -1.16
C TYR A 115 0.65 21.84 0.18
N PHE A 116 0.48 20.52 0.21
CA PHE A 116 0.32 19.80 1.46
C PHE A 116 1.68 19.32 1.95
N GLN A 117 2.22 20.00 2.96
CA GLN A 117 3.50 19.63 3.55
C GLN A 117 3.41 18.44 4.48
N HIS A 118 2.26 18.20 5.09
CA HIS A 118 2.24 17.06 6.01
C HIS A 118 0.95 16.30 5.82
N TRP A 119 1.03 14.98 5.86
CA TRP A 119 -0.11 14.12 5.60
C TRP A 119 -0.38 13.24 6.81
N GLY A 120 -1.64 12.91 7.01
CA GLY A 120 -1.95 11.85 7.93
C GLY A 120 -1.57 10.51 7.32
N GLN A 121 -1.71 9.46 8.12
CA GLN A 121 -1.33 8.14 7.60
C GLN A 121 -2.42 7.54 6.73
N GLY A 122 -3.61 8.15 6.70
CA GLY A 122 -4.76 7.69 5.95
C GLY A 122 -5.65 6.75 6.74
N THR A 123 -6.94 6.78 6.42
CA THR A 123 -7.93 5.92 7.04
C THR A 123 -8.71 5.23 5.92
N LEU A 124 -8.60 3.90 5.84
CA LEU A 124 -9.45 3.16 4.91
C LEU A 124 -10.88 3.11 5.44
N VAL A 125 -11.80 3.71 4.69
CA VAL A 125 -13.23 3.54 4.91
C VAL A 125 -13.75 2.63 3.80
N THR A 126 -14.40 1.55 4.20
CA THR A 126 -14.97 0.56 3.28
C THR A 126 -16.49 0.63 3.41
N VAL A 127 -17.19 0.87 2.30
CA VAL A 127 -18.64 0.95 2.31
C VAL A 127 -19.20 -0.39 1.86
N SER A 128 -19.78 -1.15 2.79
CA SER A 128 -20.20 -2.51 2.47
C SER A 128 -21.31 -2.95 3.41
N SER A 129 -22.14 -3.88 2.91
CA SER A 129 -23.14 -4.53 3.74
C SER A 129 -22.54 -5.63 4.61
N ALA A 130 -21.39 -6.19 4.20
CA ALA A 130 -20.72 -7.26 4.93
C ALA A 130 -20.27 -6.80 6.32
N SER A 131 -20.13 -7.76 7.22
CA SER A 131 -19.82 -7.46 8.61
C SER A 131 -18.36 -7.77 8.93
N THR A 132 -17.88 -7.10 9.98
CA THR A 132 -16.50 -7.22 10.40
C THR A 132 -16.19 -8.61 10.95
N LYS A 133 -15.19 -9.26 10.38
CA LYS A 133 -14.63 -10.49 10.94
C LYS A 133 -13.14 -10.28 11.19
N GLY A 134 -12.67 -10.69 12.36
CA GLY A 134 -11.26 -10.72 12.64
C GLY A 134 -10.61 -11.85 11.86
N PRO A 135 -9.27 -11.87 11.82
CA PRO A 135 -8.55 -12.90 11.06
C PRO A 135 -8.08 -14.08 11.87
N SER A 136 -7.93 -15.22 11.19
CA SER A 136 -7.15 -16.34 11.70
C SER A 136 -5.71 -16.21 11.19
N VAL A 137 -4.75 -16.40 12.08
CA VAL A 137 -3.34 -16.23 11.75
C VAL A 137 -2.67 -17.60 11.86
N PHE A 138 -2.22 -18.16 10.73
CA PHE A 138 -1.55 -19.46 10.75
C PHE A 138 -0.08 -19.30 10.37
N PRO A 139 0.83 -20.11 10.92
CA PRO A 139 2.24 -19.93 10.57
C PRO A 139 2.61 -20.68 9.30
N LEU A 140 3.45 -20.04 8.49
CA LEU A 140 4.09 -20.67 7.33
C LEU A 140 5.49 -21.03 7.79
N ALA A 141 5.66 -22.27 8.22
CA ALA A 141 6.83 -22.67 8.97
C ALA A 141 8.03 -22.89 8.05
N PRO A 142 9.23 -22.48 8.50
CA PRO A 142 10.44 -22.79 7.71
C PRO A 142 10.70 -24.28 7.69
N SER A 143 10.88 -24.81 6.47
CA SER A 143 11.13 -26.21 6.21
C SER A 143 12.37 -26.31 5.34
N SER A 144 12.83 -27.54 5.11
CA SER A 144 13.83 -27.75 4.08
C SER A 144 13.31 -27.30 2.71
N LYS A 145 11.99 -27.21 2.54
CA LYS A 145 11.41 -26.81 1.28
C LYS A 145 11.09 -25.33 1.21
N SER A 146 11.44 -24.58 2.26
CA SER A 146 11.51 -23.13 2.24
C SER A 146 12.94 -22.63 2.48
N THR A 147 13.93 -23.50 2.28
CA THR A 147 15.34 -23.15 2.44
C THR A 147 15.98 -23.10 1.06
N SER A 148 16.94 -22.18 0.89
CA SER A 148 17.63 -22.01 -0.39
C SER A 148 19.05 -21.57 -0.08
N GLY A 149 19.98 -22.52 -0.12
CA GLY A 149 21.37 -22.23 0.13
C GLY A 149 21.62 -21.35 1.33
N GLY A 150 21.24 -21.79 2.51
CA GLY A 150 21.49 -20.98 3.69
C GLY A 150 20.53 -19.83 3.90
N THR A 151 19.60 -19.59 2.97
CA THR A 151 18.52 -18.64 3.13
C THR A 151 17.21 -19.40 3.32
N ALA A 152 16.50 -19.10 4.40
CA ALA A 152 15.24 -19.76 4.70
C ALA A 152 14.10 -18.74 4.69
N ALA A 153 12.95 -19.16 4.16
CA ALA A 153 11.78 -18.31 4.12
C ALA A 153 10.75 -18.85 5.11
N LEU A 154 10.22 -17.96 5.94
CA LEU A 154 9.10 -18.29 6.81
C LEU A 154 8.06 -17.18 6.68
N GLY A 155 6.91 -17.36 7.30
CA GLY A 155 5.92 -16.30 7.25
C GLY A 155 4.70 -16.67 8.05
N CYS A 156 3.64 -15.89 7.85
CA CYS A 156 2.35 -16.28 8.38
C CYS A 156 1.23 -15.80 7.46
N LEU A 157 0.15 -16.56 7.50
CA LEU A 157 -1.00 -16.43 6.62
C LEU A 157 -2.17 -15.89 7.42
N VAL A 158 -2.63 -14.69 7.07
CA VAL A 158 -3.72 -14.00 7.75
C VAL A 158 -4.98 -14.18 6.91
N LYS A 159 -5.88 -15.03 7.36
CA LYS A 159 -6.94 -15.57 6.53
C LYS A 159 -8.30 -15.17 7.08
N ASP A 160 -9.26 -15.04 6.16
CA ASP A 160 -10.67 -14.85 6.51
C ASP A 160 -10.88 -13.62 7.39
N TYR A 161 -10.79 -12.43 6.82
CA TYR A 161 -10.96 -11.22 7.61
C TYR A 161 -11.65 -10.16 6.78
N PHE A 162 -12.30 -9.22 7.48
CA PHE A 162 -13.06 -8.15 6.83
C PHE A 162 -13.35 -7.02 7.81
N PRO A 163 -13.22 -5.74 7.41
CA PRO A 163 -12.74 -5.27 6.10
C PRO A 163 -11.21 -5.19 6.08
N GLU A 164 -10.65 -4.65 5.01
CA GLU A 164 -9.25 -4.28 5.03
C GLU A 164 -9.07 -3.08 5.96
N PRO A 165 -7.85 -2.86 6.47
CA PRO A 165 -6.63 -3.64 6.28
C PRO A 165 -6.18 -4.35 7.53
N VAL A 166 -5.13 -5.18 7.40
CA VAL A 166 -4.35 -5.66 8.52
C VAL A 166 -2.95 -5.09 8.36
N THR A 167 -2.27 -4.88 9.48
CA THR A 167 -0.84 -4.60 9.47
C THR A 167 -0.11 -5.78 10.09
N VAL A 168 0.98 -6.18 9.45
CA VAL A 168 1.85 -7.24 9.93
C VAL A 168 3.22 -6.64 10.18
N SER A 169 3.79 -6.96 11.32
CA SER A 169 5.19 -6.67 11.57
C SER A 169 5.86 -7.95 12.04
N TRP A 170 7.18 -7.92 12.21
CA TRP A 170 7.91 -9.10 12.64
C TRP A 170 8.78 -8.72 13.82
N ASN A 171 8.69 -9.52 14.88
CA ASN A 171 9.40 -9.26 16.15
C ASN A 171 9.19 -7.83 16.61
N SER A 172 7.93 -7.39 16.57
CA SER A 172 7.52 -6.09 17.09
C SER A 172 8.26 -4.94 16.43
N GLY A 173 8.64 -5.13 15.16
CA GLY A 173 9.29 -4.11 14.38
C GLY A 173 10.79 -4.24 14.30
N ALA A 174 11.37 -5.15 15.09
CA ALA A 174 12.81 -5.35 15.04
C ALA A 174 13.26 -5.89 13.70
N LEU A 175 12.52 -6.84 13.12
CA LEU A 175 12.90 -7.48 11.86
C LEU A 175 12.18 -6.77 10.71
N THR A 176 12.95 -6.04 9.91
CA THR A 176 12.42 -5.30 8.79
C THR A 176 12.99 -5.72 7.44
N SER A 177 14.24 -6.19 7.39
CA SER A 177 14.83 -6.60 6.12
C SER A 177 14.30 -7.96 5.68
N GLY A 178 14.13 -8.11 4.37
CA GLY A 178 13.63 -9.34 3.80
C GLY A 178 12.14 -9.54 3.95
N VAL A 179 11.40 -8.59 4.51
CA VAL A 179 9.97 -8.77 4.78
C VAL A 179 9.16 -8.33 3.57
N HIS A 180 8.25 -9.19 3.12
CA HIS A 180 7.25 -8.83 2.13
C HIS A 180 5.88 -9.15 2.70
N THR A 181 5.01 -8.16 2.76
CA THR A 181 3.61 -8.39 3.10
C THR A 181 2.77 -8.16 1.86
N PHE A 182 2.09 -9.20 1.41
CA PHE A 182 1.49 -9.14 0.09
C PHE A 182 0.14 -8.44 0.16
N PRO A 183 -0.27 -7.80 -0.93
CA PRO A 183 -1.64 -7.29 -0.99
C PRO A 183 -2.65 -8.40 -0.69
N ALA A 184 -3.72 -8.03 0.00
CA ALA A 184 -4.75 -8.99 0.33
C ALA A 184 -5.50 -9.39 -0.94
N VAL A 185 -5.93 -10.65 -1.00
CA VAL A 185 -6.82 -11.11 -2.07
C VAL A 185 -8.19 -11.32 -1.46
N LEU A 186 -9.22 -11.06 -2.25
CA LEU A 186 -10.60 -11.19 -1.82
C LEU A 186 -11.10 -12.56 -2.23
N GLN A 187 -11.25 -13.46 -1.25
CA GLN A 187 -11.62 -14.83 -1.51
C GLN A 187 -13.04 -14.92 -2.07
N SER A 188 -13.41 -16.13 -2.51
CA SER A 188 -14.77 -16.37 -2.97
C SER A 188 -15.77 -16.19 -1.84
N SER A 189 -15.35 -16.38 -0.60
CA SER A 189 -16.21 -16.21 0.56
C SER A 189 -16.52 -14.76 0.86
N GLY A 190 -16.04 -13.81 0.06
CA GLY A 190 -16.21 -12.42 0.40
C GLY A 190 -15.28 -11.91 1.48
N LEU A 191 -14.31 -12.71 1.89
CA LEU A 191 -13.33 -12.31 2.89
C LEU A 191 -11.94 -12.20 2.27
N TYR A 192 -11.08 -11.45 2.96
CA TYR A 192 -9.72 -11.23 2.51
C TYR A 192 -8.77 -12.24 3.13
N SER A 193 -7.73 -12.58 2.39
CA SER A 193 -6.62 -13.36 2.90
C SER A 193 -5.33 -12.73 2.40
N LEU A 194 -4.31 -12.78 3.23
CA LEU A 194 -3.03 -12.12 3.01
C LEU A 194 -1.92 -13.02 3.53
N SER A 195 -0.72 -12.87 3.00
CA SER A 195 0.42 -13.57 3.59
C SER A 195 1.56 -12.59 3.79
N SER A 196 2.33 -12.82 4.84
CA SER A 196 3.53 -12.04 5.08
C SER A 196 4.65 -13.04 5.22
N VAL A 197 5.77 -12.77 4.56
CA VAL A 197 6.91 -13.67 4.57
C VAL A 197 8.17 -12.87 4.85
N VAL A 198 9.19 -13.59 5.29
CA VAL A 198 10.50 -12.99 5.54
C VAL A 198 11.56 -14.07 5.30
N THR A 199 12.66 -13.64 4.71
CA THR A 199 13.80 -14.51 4.48
C THR A 199 14.88 -14.17 5.50
N VAL A 200 15.47 -15.20 6.07
CA VAL A 200 16.44 -15.09 7.15
C VAL A 200 17.58 -16.05 6.86
N PRO A 201 18.70 -15.89 7.56
CA PRO A 201 19.75 -16.91 7.45
C PRO A 201 19.27 -18.24 8.01
N SER A 202 19.49 -19.31 7.24
CA SER A 202 19.22 -20.65 7.76
C SER A 202 19.90 -20.89 9.08
N SER A 203 21.07 -20.26 9.30
CA SER A 203 21.84 -20.30 10.55
C SER A 203 20.99 -19.90 11.73
N SER A 204 20.07 -18.98 11.49
CA SER A 204 19.28 -18.33 12.54
C SER A 204 18.16 -19.21 13.07
N LEU A 205 17.77 -20.26 12.35
CA LEU A 205 16.51 -20.92 12.66
C LEU A 205 16.53 -21.54 14.07
N GLY A 206 17.64 -22.11 14.48
CA GLY A 206 17.72 -22.67 15.82
C GLY A 206 17.95 -21.65 16.89
N THR A 207 18.64 -20.55 16.58
CA THR A 207 19.06 -19.61 17.59
C THR A 207 18.07 -18.46 17.80
N GLN A 208 17.25 -18.11 16.80
CA GLN A 208 16.40 -16.92 16.88
C GLN A 208 14.92 -17.28 16.76
N THR A 209 14.11 -16.63 17.60
CA THR A 209 12.66 -16.76 17.54
C THR A 209 12.10 -15.70 16.60
N TYR A 210 11.17 -16.13 15.75
CA TYR A 210 10.48 -15.23 14.83
C TYR A 210 9.00 -15.22 15.18
N ILE A 211 8.47 -14.03 15.43
CA ILE A 211 7.06 -13.86 15.79
C ILE A 211 6.47 -12.78 14.89
N CYS A 212 5.39 -13.13 14.19
CA CYS A 212 4.67 -12.14 13.39
C CYS A 212 3.55 -11.54 14.21
N ASN A 213 3.42 -10.23 14.08
CA ASN A 213 2.51 -9.41 14.88
C ASN A 213 1.45 -8.88 13.92
N VAL A 214 0.30 -9.53 13.92
CA VAL A 214 -0.82 -9.18 13.07
C VAL A 214 -1.76 -8.27 13.84
N ASN A 215 -2.25 -7.23 13.19
CA ASN A 215 -3.14 -6.29 13.83
C ASN A 215 -4.24 -5.92 12.84
N HIS A 216 -5.50 -6.14 13.24
CA HIS A 216 -6.69 -5.81 12.48
C HIS A 216 -7.49 -4.82 13.34
N LYS A 217 -7.25 -3.53 13.10
CA LYS A 217 -7.92 -2.49 13.88
C LYS A 217 -9.43 -2.52 13.76
N PRO A 218 -10.06 -2.75 12.59
CA PRO A 218 -11.53 -2.76 12.57
C PRO A 218 -12.15 -3.77 13.53
N SER A 219 -11.58 -4.96 13.66
CA SER A 219 -12.15 -5.96 14.55
C SER A 219 -11.45 -6.00 15.89
N ASN A 220 -10.54 -5.07 16.15
CA ASN A 220 -9.74 -5.04 17.37
C ASN A 220 -9.10 -6.39 17.67
N THR A 221 -8.45 -6.97 16.66
CA THR A 221 -7.71 -8.21 16.82
C THR A 221 -6.22 -7.91 16.79
N LYS A 222 -5.49 -8.42 17.79
CA LYS A 222 -4.04 -8.29 17.83
C LYS A 222 -3.46 -9.64 18.18
N VAL A 223 -2.85 -10.31 17.21
CA VAL A 223 -2.29 -11.65 17.39
C VAL A 223 -0.78 -11.57 17.29
N ASP A 224 -0.10 -12.33 18.15
CA ASP A 224 1.35 -12.48 18.11
C ASP A 224 1.61 -13.97 17.98
N LYS A 225 2.00 -14.43 16.79
CA LYS A 225 2.24 -15.85 16.59
C LYS A 225 3.71 -16.11 16.34
N ARG A 226 4.29 -16.99 17.15
CA ARG A 226 5.64 -17.49 16.90
C ARG A 226 5.59 -18.51 15.77
N VAL A 227 6.48 -18.33 14.79
CA VAL A 227 6.64 -19.25 13.67
C VAL A 227 7.92 -20.03 13.93
N GLU A 228 7.81 -21.35 14.04
CA GLU A 228 8.97 -22.17 14.36
C GLU A 228 9.14 -23.26 13.31
N PRO A 229 10.34 -23.80 13.18
CA PRO A 229 10.62 -24.74 12.09
C PRO A 229 9.88 -26.06 12.26
N LYS A 230 9.62 -26.72 11.13
CA LYS A 230 8.89 -27.99 11.11
C LYS A 230 9.79 -29.16 11.48
N ASP B 1 -13.65 22.87 -13.99
CA ASP B 1 -12.43 22.52 -13.28
C ASP B 1 -11.21 22.54 -14.19
N ILE B 2 -10.04 22.74 -13.59
CA ILE B 2 -8.78 22.65 -14.28
C ILE B 2 -8.36 21.18 -14.31
N GLN B 3 -8.35 20.57 -15.49
CA GLN B 3 -7.78 19.23 -15.62
C GLN B 3 -6.27 19.34 -15.68
N LEU B 4 -5.60 18.32 -15.15
CA LEU B 4 -4.16 18.18 -15.29
C LEU B 4 -3.88 16.87 -16.03
N THR B 5 -3.06 16.95 -17.07
CA THR B 5 -2.70 15.81 -17.89
C THR B 5 -1.23 15.50 -17.68
N GLN B 6 -0.96 14.28 -17.29
CA GLN B 6 0.38 13.90 -16.87
C GLN B 6 0.94 12.92 -17.89
N SER B 7 2.24 12.97 -18.10
CA SER B 7 2.78 12.06 -19.10
C SER B 7 4.23 11.77 -18.79
N PRO B 8 4.70 10.54 -19.04
CA PRO B 8 3.89 9.38 -19.43
C PRO B 8 3.02 8.85 -18.27
N SER B 9 2.16 7.86 -18.57
CA SER B 9 1.38 7.19 -17.54
C SER B 9 2.29 6.39 -16.63
N SER B 10 3.25 5.70 -17.22
CA SER B 10 4.18 4.91 -16.45
C SER B 10 5.44 4.80 -17.26
N LEU B 11 6.56 4.63 -16.55
CA LEU B 11 7.84 4.51 -17.23
C LEU B 11 8.73 3.63 -16.37
N SER B 12 9.73 3.02 -17.04
CA SER B 12 10.78 2.24 -16.41
C SER B 12 12.12 2.80 -16.83
N ALA B 13 12.97 3.11 -15.87
CA ALA B 13 14.28 3.67 -16.15
C ALA B 13 15.29 3.03 -15.23
N SER B 14 16.57 3.18 -15.56
CA SER B 14 17.65 2.55 -14.80
C SER B 14 18.24 3.52 -13.78
N VAL B 15 18.79 2.94 -12.70
CA VAL B 15 19.41 3.75 -11.66
C VAL B 15 20.52 4.59 -12.26
N GLY B 16 20.51 5.88 -11.97
CA GLY B 16 21.41 6.82 -12.61
C GLY B 16 20.81 7.54 -13.79
N ASP B 17 19.69 7.07 -14.34
CA ASP B 17 19.09 7.75 -15.47
C ASP B 17 18.45 9.06 -15.03
N ARG B 18 18.45 10.02 -15.94
CA ARG B 18 17.70 11.26 -15.80
C ARG B 18 16.29 11.04 -16.30
N VAL B 19 15.30 11.44 -15.49
CA VAL B 19 13.89 11.15 -15.75
C VAL B 19 13.12 12.47 -15.73
N THR B 20 12.32 12.72 -16.77
CA THR B 20 11.46 13.90 -16.78
C THR B 20 10.02 13.49 -17.06
N ILE B 21 9.12 14.00 -16.22
CA ILE B 21 7.67 13.81 -16.27
C ILE B 21 7.05 15.17 -16.56
N THR B 22 5.96 15.19 -17.31
CA THR B 22 5.32 16.43 -17.68
C THR B 22 3.90 16.47 -17.14
N CYS B 23 3.45 17.70 -16.86
CA CYS B 23 2.09 18.04 -16.48
C CYS B 23 1.64 19.14 -17.43
N GLN B 24 0.40 19.05 -17.89
CA GLN B 24 -0.22 20.12 -18.67
C GLN B 24 -1.54 20.53 -18.03
N ALA B 25 -1.73 21.81 -17.80
CA ALA B 25 -2.97 22.32 -17.26
C ALA B 25 -3.91 22.75 -18.38
N SER B 26 -5.21 22.53 -18.18
CA SER B 26 -6.20 22.87 -19.18
C SER B 26 -6.34 24.37 -19.38
N GLN B 27 -5.77 25.18 -18.50
CA GLN B 27 -5.74 26.62 -18.68
C GLN B 27 -4.57 27.16 -17.89
N ASP B 28 -4.31 28.45 -18.06
CA ASP B 28 -3.17 29.07 -17.38
C ASP B 28 -3.36 28.97 -15.87
N ILE B 29 -2.36 28.43 -15.18
CA ILE B 29 -2.35 28.37 -13.72
C ILE B 29 -1.11 29.04 -13.13
N SER B 30 -0.41 29.83 -13.93
CA SER B 30 0.79 30.58 -13.53
C SER B 30 1.80 29.56 -13.00
N ASN B 31 2.24 29.64 -11.74
CA ASN B 31 3.19 28.67 -11.20
C ASN B 31 2.65 27.94 -9.97
N TYR B 32 1.33 27.93 -9.78
CA TYR B 32 0.71 27.24 -8.65
C TYR B 32 0.56 25.75 -8.96
N LEU B 33 1.70 25.09 -9.10
CA LEU B 33 1.74 23.67 -9.44
C LEU B 33 2.75 22.95 -8.56
N ASN B 34 2.30 21.90 -7.91
CA ASN B 34 3.09 21.11 -6.98
C ASN B 34 3.25 19.69 -7.50
N TRP B 35 4.28 19.03 -6.99
CA TRP B 35 4.61 17.65 -7.31
C TRP B 35 4.75 16.86 -6.01
N TYR B 36 4.06 15.71 -5.95
CA TYR B 36 4.09 14.77 -4.85
C TYR B 36 4.57 13.40 -5.30
N GLN B 37 5.14 12.67 -4.35
CA GLN B 37 5.67 11.33 -4.51
C GLN B 37 4.88 10.39 -3.61
N GLN B 38 4.27 9.37 -4.17
CA GLN B 38 3.53 8.40 -3.36
C GLN B 38 4.20 7.04 -3.54
N ARG B 39 5.02 6.68 -2.56
CA ARG B 39 5.65 5.39 -2.55
C ARG B 39 4.63 4.32 -2.15
N PRO B 40 4.88 3.07 -2.51
CA PRO B 40 3.95 1.99 -2.15
C PRO B 40 3.63 1.92 -0.66
N GLY B 41 2.34 1.97 -0.33
CA GLY B 41 1.91 1.88 1.05
C GLY B 41 1.92 3.19 1.81
N LYS B 42 2.52 4.24 1.26
CA LYS B 42 2.72 5.47 1.98
C LYS B 42 1.79 6.58 1.47
N ALA B 43 1.58 7.57 2.32
CA ALA B 43 0.85 8.75 1.88
C ALA B 43 1.72 9.55 0.92
N PRO B 44 1.12 10.41 0.11
CA PRO B 44 1.92 11.26 -0.78
C PRO B 44 2.86 12.13 0.03
N LYS B 45 3.90 12.62 -0.64
CA LYS B 45 4.91 13.43 0.00
C LYS B 45 5.29 14.59 -0.91
N LEU B 46 5.27 15.81 -0.38
CA LEU B 46 5.58 16.97 -1.20
C LEU B 46 7.05 16.94 -1.61
N LEU B 47 7.31 17.02 -2.90
CA LEU B 47 8.67 17.19 -3.39
C LEU B 47 8.90 18.57 -3.97
N ILE B 48 7.99 19.07 -4.80
CA ILE B 48 8.20 20.37 -5.43
C ILE B 48 6.97 21.23 -5.21
N TYR B 49 7.18 22.50 -4.88
CA TYR B 49 6.06 23.41 -4.74
C TYR B 49 6.30 24.64 -5.60
N ASP B 50 5.19 25.27 -5.99
CA ASP B 50 5.20 26.43 -6.86
C ASP B 50 6.10 26.22 -8.06
N ALA B 51 5.84 25.12 -8.77
CA ALA B 51 6.48 24.74 -10.02
C ALA B 51 7.96 24.37 -9.85
N SER B 52 8.74 25.12 -9.09
CA SER B 52 10.18 24.91 -9.13
C SER B 52 10.89 24.88 -7.78
N ASN B 53 10.22 25.20 -6.68
CA ASN B 53 10.89 25.22 -5.39
C ASN B 53 10.98 23.84 -4.76
N LEU B 54 12.15 23.50 -4.24
CA LEU B 54 12.42 22.19 -3.65
C LEU B 54 12.03 22.23 -2.18
N GLU B 55 11.01 21.48 -1.81
CA GLU B 55 10.59 21.39 -0.41
C GLU B 55 11.78 21.05 0.48
N THR B 56 11.75 21.57 1.70
CA THR B 56 12.86 21.40 2.64
C THR B 56 13.06 19.93 2.99
N GLY B 57 14.31 19.50 2.96
CA GLY B 57 14.66 18.13 3.28
C GLY B 57 14.58 17.18 2.11
N VAL B 58 14.11 17.63 0.97
CA VAL B 58 13.98 16.75 -0.20
C VAL B 58 15.31 16.72 -0.94
N PRO B 59 15.80 15.54 -1.33
CA PRO B 59 17.13 15.45 -1.97
C PRO B 59 17.23 16.42 -3.13
N SER B 60 18.46 16.88 -3.36
CA SER B 60 18.72 17.85 -4.42
C SER B 60 18.55 17.28 -5.81
N ARG B 61 18.40 15.95 -5.95
CA ARG B 61 18.26 15.40 -7.29
C ARG B 61 16.90 15.67 -7.90
N PHE B 62 15.95 16.20 -7.13
CA PHE B 62 14.62 16.50 -7.60
C PHE B 62 14.54 17.97 -8.01
N SER B 63 13.94 18.23 -9.17
CA SER B 63 13.77 19.59 -9.64
C SER B 63 12.47 19.70 -10.41
N GLY B 64 12.02 20.92 -10.61
CA GLY B 64 10.82 21.15 -11.40
C GLY B 64 10.91 22.49 -12.06
N SER B 65 10.21 22.65 -13.18
CA SER B 65 10.22 23.93 -13.87
C SER B 65 8.94 24.10 -14.65
N GLY B 66 8.70 25.33 -15.08
CA GLY B 66 7.56 25.66 -15.90
C GLY B 66 6.70 26.75 -15.28
N SER B 67 5.81 27.27 -16.12
CA SER B 67 4.92 28.36 -15.78
C SER B 67 3.83 28.43 -16.85
N GLY B 68 2.61 28.74 -16.42
CA GLY B 68 1.51 28.84 -17.35
C GLY B 68 0.73 27.55 -17.48
N THR B 69 1.04 26.74 -18.49
CA THR B 69 0.30 25.51 -18.70
C THR B 69 1.15 24.26 -18.77
N ASP B 70 2.45 24.37 -19.02
CA ASP B 70 3.30 23.20 -19.24
C ASP B 70 4.36 23.17 -18.16
N PHE B 71 4.43 22.08 -17.42
CA PHE B 71 5.38 21.92 -16.34
C PHE B 71 6.11 20.60 -16.50
N THR B 72 7.30 20.54 -15.90
CA THR B 72 8.10 19.34 -15.89
C THR B 72 8.66 19.12 -14.49
N PHE B 73 8.88 17.82 -14.20
CA PHE B 73 9.49 17.33 -12.98
C PHE B 73 10.64 16.43 -13.39
N THR B 74 11.81 16.63 -12.82
CA THR B 74 12.99 15.89 -13.23
C THR B 74 13.65 15.26 -12.02
N ILE B 75 13.97 13.98 -12.15
CA ILE B 75 14.92 13.30 -11.25
C ILE B 75 16.25 13.20 -11.97
N SER B 76 17.28 13.85 -11.42
CA SER B 76 18.54 13.98 -12.16
C SER B 76 19.32 12.68 -12.14
N SER B 77 19.24 11.91 -11.05
CA SER B 77 19.95 10.64 -10.92
C SER B 77 19.01 9.66 -10.23
N LEU B 78 18.30 8.86 -11.04
CA LEU B 78 17.27 7.97 -10.51
C LEU B 78 17.86 6.99 -9.50
N GLN B 79 17.26 6.94 -8.30
CA GLN B 79 17.66 6.07 -7.20
C GLN B 79 16.62 4.97 -6.98
N PRO B 80 17.04 3.82 -6.44
CA PRO B 80 16.06 2.73 -6.24
C PRO B 80 14.90 3.13 -5.35
N GLU B 81 15.17 3.94 -4.34
CA GLU B 81 14.11 4.38 -3.44
C GLU B 81 13.17 5.38 -4.11
N ASP B 82 13.35 5.72 -5.40
CA ASP B 82 12.45 6.63 -6.08
C ASP B 82 11.26 5.93 -6.74
N ILE B 83 11.14 4.61 -6.60
CA ILE B 83 9.99 3.86 -7.10
C ILE B 83 8.72 4.46 -6.50
N ALA B 84 7.79 4.91 -7.34
CA ALA B 84 6.61 5.55 -6.75
C ALA B 84 5.67 6.02 -7.85
N THR B 85 4.51 6.53 -7.43
CA THR B 85 3.65 7.24 -8.36
C THR B 85 3.72 8.73 -8.03
N TYR B 86 3.97 9.54 -9.05
CA TYR B 86 4.18 10.97 -8.93
C TYR B 86 2.94 11.71 -9.43
N TYR B 87 2.53 12.74 -8.72
CA TYR B 87 1.32 13.48 -9.08
C TYR B 87 1.60 14.98 -9.12
N CYS B 88 1.09 15.67 -10.14
CA CYS B 88 1.04 17.11 -10.06
C CYS B 88 -0.28 17.56 -9.43
N GLN B 89 -0.31 18.82 -8.98
CA GLN B 89 -1.49 19.37 -8.31
C GLN B 89 -1.50 20.89 -8.49
N GLN B 90 -2.59 21.45 -8.98
CA GLN B 90 -2.69 22.89 -9.11
C GLN B 90 -3.51 23.46 -7.98
N TYR B 91 -3.28 24.73 -7.67
CA TYR B 91 -4.13 25.45 -6.72
C TYR B 91 -4.40 26.88 -7.17
N ASP B 92 -4.34 27.11 -8.49
CA ASP B 92 -4.72 28.40 -9.05
C ASP B 92 -6.20 28.70 -8.85
N ASN B 93 -7.04 27.67 -8.89
CA ASN B 93 -8.47 27.83 -8.88
C ASN B 93 -9.09 26.61 -8.20
N PRO B 94 -9.90 26.80 -7.15
CA PRO B 94 -10.58 25.64 -6.58
C PRO B 94 -11.62 25.11 -7.56
N PRO B 95 -11.92 23.81 -7.51
CA PRO B 95 -11.32 22.84 -6.59
C PRO B 95 -9.86 22.50 -6.94
N LEU B 96 -9.02 22.32 -5.93
CA LEU B 96 -7.68 21.79 -6.17
C LEU B 96 -7.79 20.48 -6.92
N THR B 97 -7.01 20.34 -8.00
CA THR B 97 -7.06 19.14 -8.83
C THR B 97 -5.68 18.52 -8.93
N PHE B 98 -5.66 17.19 -9.09
CA PHE B 98 -4.44 16.45 -9.33
C PHE B 98 -4.44 15.91 -10.75
N GLY B 99 -3.24 15.70 -11.29
CA GLY B 99 -3.09 14.89 -12.47
C GLY B 99 -3.40 13.44 -12.14
N GLY B 100 -3.37 12.61 -13.19
CA GLY B 100 -3.67 11.21 -13.04
C GLY B 100 -2.53 10.35 -12.51
N GLY B 101 -1.34 10.90 -12.36
CA GLY B 101 -0.27 10.12 -11.80
C GLY B 101 0.65 9.54 -12.88
N THR B 102 1.92 9.42 -12.54
CA THR B 102 2.93 8.76 -13.36
C THR B 102 3.55 7.67 -12.50
N LYS B 103 3.41 6.42 -12.91
CA LYS B 103 4.00 5.30 -12.19
C LYS B 103 5.45 5.10 -12.64
N LEU B 104 6.39 5.25 -11.72
CA LEU B 104 7.81 5.11 -12.01
C LEU B 104 8.32 3.81 -11.40
N GLU B 105 8.71 2.88 -12.27
CA GLU B 105 9.34 1.60 -11.97
C GLU B 105 10.83 1.66 -12.34
N ILE B 106 11.64 0.84 -11.67
CA ILE B 106 13.05 0.68 -12.01
C ILE B 106 13.23 -0.50 -12.97
N LYS B 107 13.95 -0.26 -14.06
CA LYS B 107 14.44 -1.33 -14.90
C LYS B 107 15.76 -1.84 -14.34
N ARG B 108 15.82 -3.13 -14.03
CA ARG B 108 17.09 -3.73 -13.64
C ARG B 108 17.37 -5.03 -14.37
N THR B 109 18.37 -5.73 -13.87
CA THR B 109 18.88 -6.95 -14.48
C THR B 109 17.88 -8.07 -14.25
N VAL B 110 17.83 -9.01 -15.20
CA VAL B 110 16.94 -10.15 -15.04
C VAL B 110 17.27 -10.90 -13.74
N ALA B 111 16.23 -11.28 -13.01
CA ALA B 111 16.37 -12.01 -11.75
C ALA B 111 15.30 -13.10 -11.70
N ALA B 112 15.73 -14.37 -11.57
CA ALA B 112 14.82 -15.50 -11.51
C ALA B 112 14.21 -15.63 -10.11
N PRO B 113 12.96 -16.07 -10.00
CA PRO B 113 12.36 -16.22 -8.66
C PRO B 113 13.02 -17.32 -7.85
N SER B 114 13.17 -17.06 -6.55
CA SER B 114 13.44 -18.12 -5.57
C SER B 114 12.09 -18.71 -5.16
N VAL B 115 11.86 -19.97 -5.50
CA VAL B 115 10.56 -20.60 -5.27
C VAL B 115 10.60 -21.37 -3.97
N PHE B 116 9.61 -21.15 -3.12
CA PHE B 116 9.44 -21.88 -1.87
C PHE B 116 8.01 -22.38 -1.78
N ILE B 117 7.81 -23.52 -1.12
CA ILE B 117 6.47 -24.06 -0.94
C ILE B 117 6.24 -24.34 0.55
N PHE B 118 5.01 -24.12 1.00
CA PHE B 118 4.61 -24.20 2.41
C PHE B 118 3.38 -25.08 2.48
N PRO B 119 3.45 -26.20 3.18
CA PRO B 119 2.25 -27.00 3.43
C PRO B 119 1.35 -26.30 4.42
N PRO B 120 0.08 -26.67 4.49
CA PRO B 120 -0.80 -26.07 5.51
C PRO B 120 -0.31 -26.39 6.91
N SER B 121 -0.55 -25.45 7.82
CA SER B 121 -0.17 -25.65 9.22
C SER B 121 -1.13 -26.63 9.88
N ASP B 122 -0.69 -27.17 11.03
CA ASP B 122 -1.54 -28.05 11.79
C ASP B 122 -2.76 -27.31 12.33
N GLU B 123 -2.57 -26.07 12.79
CA GLU B 123 -3.69 -25.29 13.31
C GLU B 123 -4.79 -25.13 12.28
N GLN B 124 -4.42 -24.82 11.04
CA GLN B 124 -5.44 -24.59 10.03
C GLN B 124 -6.18 -25.86 9.68
N LEU B 125 -5.46 -27.00 9.70
CA LEU B 125 -6.09 -28.29 9.42
C LEU B 125 -7.10 -28.65 10.51
N LYS B 126 -6.77 -28.38 11.78
CA LYS B 126 -7.76 -28.52 12.86
C LYS B 126 -9.09 -27.84 12.51
N SER B 127 -9.04 -26.73 11.78
CA SER B 127 -10.24 -25.97 11.44
C SER B 127 -10.94 -26.49 10.18
N GLY B 128 -10.44 -27.54 9.55
CA GLY B 128 -11.12 -28.16 8.42
C GLY B 128 -10.82 -27.58 7.05
N THR B 129 -9.90 -26.63 6.93
CA THR B 129 -9.47 -26.08 5.65
C THR B 129 -7.95 -26.17 5.58
N ALA B 130 -7.41 -26.39 4.37
CA ALA B 130 -5.97 -26.42 4.13
C ALA B 130 -5.61 -25.40 3.07
N SER B 131 -4.66 -24.51 3.39
CA SER B 131 -4.12 -23.55 2.43
C SER B 131 -2.65 -23.90 2.17
N VAL B 132 -2.31 -24.16 0.92
CA VAL B 132 -0.93 -24.40 0.50
C VAL B 132 -0.42 -23.11 -0.12
N VAL B 133 0.78 -22.68 0.30
CA VAL B 133 1.31 -21.39 -0.12
C VAL B 133 2.60 -21.59 -0.92
N CYS B 134 2.65 -21.00 -2.10
CA CYS B 134 3.82 -21.00 -2.98
C CYS B 134 4.33 -19.58 -3.04
N LEU B 135 5.62 -19.39 -2.75
CA LEU B 135 6.26 -18.08 -2.69
C LEU B 135 7.28 -17.96 -3.82
N LEU B 136 7.17 -16.91 -4.61
CA LEU B 136 8.14 -16.59 -5.65
C LEU B 136 8.82 -15.30 -5.21
N ASN B 137 10.05 -15.40 -4.77
CA ASN B 137 10.71 -14.29 -4.09
C ASN B 137 11.78 -13.65 -4.97
N ASN B 138 11.74 -12.32 -5.01
CA ASN B 138 12.77 -11.44 -5.55
C ASN B 138 13.11 -11.75 -7.00
N PHE B 139 12.24 -11.36 -7.92
CA PHE B 139 12.42 -11.71 -9.32
C PHE B 139 12.16 -10.49 -10.19
N TYR B 140 12.68 -10.54 -11.41
CA TYR B 140 12.52 -9.42 -12.33
C TYR B 140 12.67 -9.93 -13.75
N PRO B 141 11.84 -9.47 -14.69
CA PRO B 141 10.74 -8.55 -14.52
C PRO B 141 9.54 -9.20 -13.88
N ARG B 142 8.40 -8.52 -13.98
CA ARG B 142 7.23 -8.84 -13.18
C ARG B 142 6.48 -10.06 -13.69
N GLU B 143 6.53 -10.35 -14.98
CA GLU B 143 5.73 -11.43 -15.54
C GLU B 143 6.24 -12.77 -15.02
N ALA B 144 5.37 -13.51 -14.35
CA ALA B 144 5.69 -14.82 -13.82
C ALA B 144 4.45 -15.70 -13.92
N LYS B 145 4.67 -16.98 -14.16
CA LYS B 145 3.57 -17.93 -14.23
C LYS B 145 3.72 -18.98 -13.15
N VAL B 146 2.60 -19.32 -12.50
CA VAL B 146 2.53 -20.35 -11.47
C VAL B 146 1.39 -21.29 -11.86
N GLN B 147 1.71 -22.57 -12.01
CA GLN B 147 0.71 -23.61 -12.24
C GLN B 147 0.74 -24.58 -11.06
N TRP B 148 -0.41 -24.86 -10.47
CA TRP B 148 -0.47 -25.84 -9.38
C TRP B 148 -0.68 -27.23 -9.94
N LYS B 149 0.15 -28.18 -9.51
CA LYS B 149 0.01 -29.59 -9.88
C LYS B 149 -0.23 -30.37 -8.61
N VAL B 150 -1.44 -30.86 -8.44
CA VAL B 150 -1.77 -31.71 -7.31
C VAL B 150 -1.81 -33.13 -7.83
N ASP B 151 -0.90 -33.98 -7.32
CA ASP B 151 -0.70 -35.34 -7.86
C ASP B 151 -0.40 -35.30 -9.36
N ASN B 152 0.55 -34.45 -9.74
CA ASN B 152 1.06 -34.32 -11.12
C ASN B 152 -0.08 -34.05 -12.11
N ALA B 153 -0.94 -33.13 -11.71
CA ALA B 153 -2.15 -32.75 -12.46
C ALA B 153 -2.99 -33.98 -12.78
N GLY B 157 -7.68 -24.52 -10.32
CA GLY B 157 -8.98 -23.89 -10.50
C GLY B 157 -9.35 -22.90 -9.41
N ASN B 158 -8.78 -23.10 -8.22
CA ASN B 158 -9.08 -22.28 -7.05
C ASN B 158 -7.77 -21.91 -6.35
N SER B 159 -6.88 -21.26 -7.08
CA SER B 159 -5.74 -20.60 -6.46
C SER B 159 -5.89 -19.08 -6.64
N GLN B 160 -5.24 -18.34 -5.75
CA GLN B 160 -5.18 -16.89 -5.92
C GLN B 160 -3.74 -16.40 -5.77
N GLU B 161 -3.39 -15.39 -6.57
CA GLU B 161 -2.05 -14.83 -6.63
C GLU B 161 -2.07 -13.37 -6.18
N SER B 162 -0.90 -12.90 -5.74
CA SER B 162 -0.76 -11.54 -5.23
C SER B 162 0.70 -11.11 -5.41
N VAL B 163 0.92 -9.95 -6.01
CA VAL B 163 2.27 -9.48 -6.35
C VAL B 163 2.56 -8.23 -5.55
N THR B 164 3.74 -8.17 -4.94
CA THR B 164 4.10 -6.95 -4.25
C THR B 164 4.44 -5.87 -5.26
N GLU B 165 4.42 -4.63 -4.79
CA GLU B 165 5.02 -3.55 -5.56
C GLU B 165 6.53 -3.74 -5.61
N GLN B 166 7.17 -3.10 -6.59
CA GLN B 166 8.61 -3.24 -6.75
C GLN B 166 9.33 -2.82 -5.48
N ASP B 167 10.28 -3.64 -5.04
CA ASP B 167 10.96 -3.44 -3.77
C ASP B 167 11.95 -2.29 -3.88
N SER B 168 11.79 -1.30 -2.99
CA SER B 168 12.68 -0.13 -2.99
C SER B 168 14.14 -0.51 -2.88
N LYS B 169 14.47 -1.65 -2.27
CA LYS B 169 15.86 -2.00 -2.03
C LYS B 169 16.47 -2.56 -3.31
N ASP B 170 16.19 -3.82 -3.63
CA ASP B 170 16.81 -4.50 -4.75
C ASP B 170 15.99 -4.42 -6.07
N SER B 171 14.93 -3.61 -6.12
CA SER B 171 14.10 -3.40 -7.31
C SER B 171 13.41 -4.68 -7.83
N THR B 172 13.18 -5.70 -6.99
CA THR B 172 12.51 -6.92 -7.44
C THR B 172 11.04 -6.91 -7.02
N TYR B 173 10.30 -7.88 -7.55
CA TYR B 173 8.93 -8.18 -7.17
C TYR B 173 8.89 -9.53 -6.45
N SER B 174 7.81 -9.74 -5.69
CA SER B 174 7.53 -11.03 -5.10
C SER B 174 6.06 -11.39 -5.32
N LEU B 175 5.80 -12.70 -5.32
CA LEU B 175 4.48 -13.22 -5.65
C LEU B 175 4.10 -14.32 -4.65
N SER B 176 2.88 -14.24 -4.16
CA SER B 176 2.29 -15.23 -3.26
C SER B 176 1.12 -15.89 -3.96
N SER B 177 1.16 -17.22 -4.05
CA SER B 177 0.04 -17.99 -4.57
C SER B 177 -0.49 -18.94 -3.50
N THR B 178 -1.81 -19.00 -3.37
CA THR B 178 -2.42 -19.85 -2.35
C THR B 178 -3.47 -20.73 -3.00
N LEU B 179 -3.30 -22.05 -2.82
CA LEU B 179 -4.29 -23.05 -3.19
C LEU B 179 -5.05 -23.44 -1.93
N THR B 180 -6.36 -23.26 -1.93
CA THR B 180 -7.17 -23.59 -0.77
C THR B 180 -8.00 -24.84 -1.06
N LEU B 181 -8.11 -25.72 -0.07
CA LEU B 181 -8.83 -26.98 -0.21
C LEU B 181 -9.52 -27.29 1.11
N SER B 182 -10.57 -28.09 1.03
CA SER B 182 -11.14 -28.67 2.25
C SER B 182 -10.13 -29.62 2.84
N LYS B 183 -10.19 -29.81 4.16
CA LYS B 183 -9.26 -30.73 4.80
C LYS B 183 -9.29 -32.09 4.15
N ALA B 184 -10.48 -32.56 3.76
CA ALA B 184 -10.61 -33.89 3.18
C ALA B 184 -9.92 -33.98 1.83
N ASP B 185 -10.16 -32.98 0.96
CA ASP B 185 -9.51 -32.98 -0.34
C ASP B 185 -8.01 -32.88 -0.22
N TYR B 186 -7.53 -32.17 0.80
CA TYR B 186 -6.09 -32.10 1.04
C TYR B 186 -5.53 -33.45 1.47
N GLU B 187 -6.16 -34.08 2.48
CA GLU B 187 -5.74 -35.39 2.96
C GLU B 187 -5.80 -36.44 1.88
N LYS B 188 -6.63 -36.23 0.85
CA LYS B 188 -6.75 -37.18 -0.23
C LYS B 188 -5.45 -37.25 -1.04
N HIS B 189 -5.03 -36.16 -1.67
CA HIS B 189 -3.90 -36.22 -2.60
C HIS B 189 -2.58 -36.27 -1.84
N LYS B 190 -1.51 -36.55 -2.58
CA LYS B 190 -0.20 -36.81 -1.98
C LYS B 190 0.85 -35.79 -2.37
N VAL B 191 1.01 -35.51 -3.67
CA VAL B 191 2.06 -34.62 -4.14
C VAL B 191 1.47 -33.24 -4.39
N TYR B 192 2.06 -32.23 -3.77
CA TYR B 192 1.62 -30.85 -3.98
C TYR B 192 2.79 -30.09 -4.55
N ALA B 193 2.65 -29.60 -5.76
CA ALA B 193 3.73 -28.89 -6.42
C ALA B 193 3.21 -27.59 -7.00
N CYS B 194 4.09 -26.58 -7.05
CA CYS B 194 3.83 -25.43 -7.89
C CYS B 194 4.98 -25.30 -8.89
N GLU B 195 4.60 -25.18 -10.16
CA GLU B 195 5.53 -25.08 -11.26
C GLU B 195 5.58 -23.62 -11.69
N VAL B 196 6.77 -23.04 -11.64
CA VAL B 196 7.00 -21.64 -11.89
C VAL B 196 7.71 -21.50 -13.23
N THR B 197 7.20 -20.60 -14.07
CA THR B 197 7.83 -20.21 -15.31
C THR B 197 8.19 -18.73 -15.25
N HIS B 198 9.42 -18.42 -15.66
CA HIS B 198 9.89 -17.05 -15.60
C HIS B 198 11.10 -16.92 -16.50
N GLN B 199 11.28 -15.71 -17.03
CA GLN B 199 12.34 -15.41 -17.98
C GLN B 199 13.73 -15.70 -17.41
N GLY B 200 13.89 -15.65 -16.09
CA GLY B 200 15.20 -15.94 -15.52
C GLY B 200 15.55 -17.40 -15.58
N LEU B 201 14.57 -18.29 -15.72
CA LEU B 201 14.77 -19.73 -15.67
C LEU B 201 14.97 -20.29 -17.07
N SER B 202 15.99 -21.12 -17.25
CA SER B 202 16.12 -21.77 -18.56
C SER B 202 15.01 -22.77 -18.79
N SER B 203 14.27 -23.13 -17.75
CA SER B 203 13.15 -24.05 -17.86
C SER B 203 12.32 -23.94 -16.59
N PRO B 204 11.05 -24.34 -16.63
CA PRO B 204 10.20 -24.22 -15.44
C PRO B 204 10.80 -24.95 -14.26
N VAL B 205 10.68 -24.34 -13.10
CA VAL B 205 11.11 -24.95 -11.86
C VAL B 205 9.87 -25.47 -11.16
N THR B 206 9.91 -26.72 -10.73
CA THR B 206 8.82 -27.26 -9.92
C THR B 206 9.32 -27.43 -8.51
N LYS B 207 8.56 -26.91 -7.56
CA LYS B 207 8.92 -27.04 -6.16
C LYS B 207 7.74 -27.74 -5.50
N SER B 208 8.02 -28.82 -4.78
CA SER B 208 6.98 -29.77 -4.39
C SER B 208 7.20 -30.27 -2.98
N PHE B 209 6.19 -30.94 -2.46
CA PHE B 209 6.31 -31.67 -1.21
C PHE B 209 5.32 -32.83 -1.22
N ASN B 210 5.60 -33.82 -0.37
CA ASN B 210 4.71 -34.97 -0.20
C ASN B 210 4.02 -34.85 1.15
N ARG B 211 2.69 -34.89 1.14
CA ARG B 211 1.91 -34.89 2.36
C ARG B 211 2.15 -36.17 3.15
#